data_2LKW
#
_entry.id   2LKW
#
_entity_poly.entity_id   1
_entity_poly.type   'polypeptide(L)'
_entity_poly.pdbx_seq_one_letter_code
;(ACE)GQRHSIVQPPAPPPNAFVEI(NH2)
;
_entity_poly.pdbx_strand_id   A
#
# COMPACT_ATOMS: atom_id res chain seq x y z
N GLY A 2 -13.14 5.63 -15.53
CA GLY A 2 -13.61 6.29 -16.74
C GLY A 2 -14.46 7.52 -16.41
N GLN A 3 -15.21 7.42 -15.32
CA GLN A 3 -16.07 8.53 -14.90
C GLN A 3 -15.75 8.93 -13.47
N ARG A 4 -15.73 7.95 -12.58
CA ARG A 4 -15.44 8.22 -11.16
C ARG A 4 -16.13 7.18 -10.29
N HIS A 5 -15.44 6.78 -9.21
CA HIS A 5 -16.01 5.79 -8.28
C HIS A 5 -15.71 6.18 -6.84
N SER A 6 -15.96 5.26 -5.92
CA SER A 6 -15.72 5.51 -4.51
C SER A 6 -14.25 5.78 -4.26
N ILE A 7 -13.96 6.78 -3.42
CA ILE A 7 -12.59 7.14 -3.09
C ILE A 7 -11.62 6.01 -3.43
N VAL A 8 -10.79 6.24 -4.44
CA VAL A 8 -9.82 5.23 -4.85
C VAL A 8 -8.46 5.47 -4.19
N GLN A 9 -8.26 4.85 -3.02
CA GLN A 9 -7.01 5.01 -2.30
C GLN A 9 -6.45 3.65 -1.89
N PRO A 10 -5.93 2.92 -2.83
CA PRO A 10 -5.34 1.56 -2.57
C PRO A 10 -4.10 1.64 -1.68
N PRO A 11 -4.11 0.95 -0.56
CA PRO A 11 -2.96 0.95 0.39
C PRO A 11 -1.94 -0.14 0.05
N ALA A 12 -0.69 0.26 -0.13
CA ALA A 12 0.35 -0.71 -0.46
C ALA A 12 1.09 -1.14 0.81
N PRO A 13 1.17 -2.43 1.07
CA PRO A 13 1.87 -2.95 2.28
C PRO A 13 3.38 -2.92 2.11
N PRO A 14 4.10 -2.28 3.01
CA PRO A 14 5.59 -2.20 2.93
C PRO A 14 6.23 -3.58 2.77
N PRO A 15 7.00 -3.79 1.73
CA PRO A 15 7.68 -5.09 1.49
C PRO A 15 8.98 -5.22 2.26
N ASN A 16 9.30 -6.43 2.71
CA ASN A 16 10.53 -6.67 3.45
C ASN A 16 11.75 -6.56 2.53
N ALA A 17 12.89 -6.19 3.09
CA ALA A 17 14.11 -6.06 2.31
C ALA A 17 15.04 -7.24 2.57
N PHE A 18 15.95 -7.50 1.63
CA PHE A 18 16.89 -8.60 1.76
C PHE A 18 17.76 -8.40 3.02
N VAL A 19 17.42 -9.11 4.08
CA VAL A 19 18.17 -9.01 5.32
C VAL A 19 18.16 -7.57 5.84
N GLU A 20 17.09 -7.21 6.54
CA GLU A 20 16.96 -5.86 7.09
C GLU A 20 18.27 -5.43 7.75
N ILE A 21 18.69 -6.21 8.74
CA ILE A 21 19.92 -5.90 9.46
C ILE A 21 21.07 -6.75 8.95
N GLY A 2 -15.19 14.18 4.79
CA GLY A 2 -16.30 13.24 4.97
C GLY A 2 -17.41 13.51 3.96
N GLN A 3 -17.24 14.57 3.17
CA GLN A 3 -18.22 14.92 2.15
C GLN A 3 -18.05 14.04 0.92
N ARG A 4 -16.81 13.73 0.60
CA ARG A 4 -16.52 12.90 -0.58
C ARG A 4 -15.14 13.23 -1.13
N HIS A 5 -14.42 12.20 -1.59
CA HIS A 5 -13.09 12.40 -2.15
C HIS A 5 -12.77 11.30 -3.16
N SER A 6 -11.49 11.17 -3.48
CA SER A 6 -11.06 10.16 -4.44
C SER A 6 -10.97 8.79 -3.78
N ILE A 7 -12.04 8.39 -3.12
CA ILE A 7 -12.10 7.11 -2.43
C ILE A 7 -11.00 6.17 -2.92
N VAL A 8 -10.89 6.04 -4.23
CA VAL A 8 -9.86 5.17 -4.83
C VAL A 8 -8.52 5.43 -4.18
N GLN A 9 -8.29 4.82 -3.02
CA GLN A 9 -7.02 4.99 -2.30
C GLN A 9 -6.46 3.63 -1.90
N PRO A 10 -5.92 2.91 -2.85
CA PRO A 10 -5.33 1.56 -2.60
C PRO A 10 -4.10 1.64 -1.68
N PRO A 11 -4.11 0.94 -0.57
CA PRO A 11 -2.97 0.94 0.39
C PRO A 11 -1.94 -0.12 0.05
N ALA A 12 -0.69 0.28 -0.12
CA ALA A 12 0.36 -0.66 -0.44
C ALA A 12 1.09 -1.11 0.83
N PRO A 13 1.17 -2.40 1.08
CA PRO A 13 1.86 -2.93 2.29
C PRO A 13 3.39 -2.90 2.13
N PRO A 14 4.10 -2.27 3.02
CA PRO A 14 5.60 -2.21 2.96
C PRO A 14 6.22 -3.59 2.78
N PRO A 15 7.00 -3.79 1.75
CA PRO A 15 7.67 -5.10 1.49
C PRO A 15 8.97 -5.24 2.26
N ASN A 16 9.20 -6.43 2.82
CA ASN A 16 10.41 -6.68 3.59
C ASN A 16 11.65 -6.49 2.72
N ALA A 17 12.79 -6.26 3.36
CA ALA A 17 14.04 -6.06 2.63
C ALA A 17 15.11 -7.02 3.11
N PHE A 18 14.99 -8.29 2.71
CA PHE A 18 15.95 -9.30 3.12
C PHE A 18 17.35 -8.92 2.64
N VAL A 19 18.03 -8.06 3.41
CA VAL A 19 19.36 -7.63 3.06
C VAL A 19 20.31 -7.80 4.25
N GLU A 20 20.76 -9.02 4.48
CA GLU A 20 21.66 -9.31 5.59
C GLU A 20 23.04 -9.70 5.06
N ILE A 21 24.02 -9.71 5.96
CA ILE A 21 25.38 -10.07 5.58
C ILE A 21 25.95 -11.10 6.55
N GLY A 2 -12.88 10.93 -13.61
CA GLY A 2 -12.91 11.89 -12.51
C GLY A 2 -14.35 12.28 -12.16
N GLN A 3 -15.27 11.33 -12.35
CA GLN A 3 -16.67 11.59 -12.05
C GLN A 3 -16.96 11.31 -10.58
N ARG A 4 -16.61 10.12 -10.12
CA ARG A 4 -16.84 9.74 -8.73
C ARG A 4 -17.02 8.24 -8.60
N HIS A 5 -16.49 7.67 -7.52
CA HIS A 5 -16.61 6.23 -7.29
C HIS A 5 -16.09 5.87 -5.90
N SER A 6 -16.04 4.57 -5.62
CA SER A 6 -15.57 4.10 -4.32
C SER A 6 -14.15 4.61 -4.05
N ILE A 7 -14.01 5.37 -2.96
CA ILE A 7 -12.71 5.92 -2.59
C ILE A 7 -11.58 5.17 -3.27
N VAL A 8 -10.90 5.84 -4.20
CA VAL A 8 -9.80 5.22 -4.92
C VAL A 8 -8.47 5.48 -4.20
N GLN A 9 -8.28 4.82 -3.05
CA GLN A 9 -7.06 4.98 -2.28
C GLN A 9 -6.49 3.63 -1.88
N PRO A 10 -5.93 2.92 -2.82
CA PRO A 10 -5.33 1.57 -2.58
C PRO A 10 -4.10 1.65 -1.67
N PRO A 11 -4.10 0.95 -0.56
CA PRO A 11 -2.96 0.95 0.39
C PRO A 11 -1.93 -0.12 0.05
N ALA A 12 -0.68 0.30 -0.12
CA ALA A 12 0.37 -0.66 -0.45
C ALA A 12 1.10 -1.10 0.81
N PRO A 13 1.18 -2.38 1.08
CA PRO A 13 1.89 -2.91 2.28
C PRO A 13 3.41 -2.90 2.11
N PRO A 14 4.13 -2.26 3.00
CA PRO A 14 5.63 -2.20 2.93
C PRO A 14 6.24 -3.60 2.77
N PRO A 15 7.00 -3.82 1.72
CA PRO A 15 7.65 -5.13 1.48
C PRO A 15 8.97 -5.27 2.25
N ASN A 16 9.32 -6.51 2.60
CA ASN A 16 10.54 -6.76 3.34
C ASN A 16 11.76 -6.41 2.49
N ALA A 17 12.89 -6.12 3.15
CA ALA A 17 14.11 -5.76 2.44
C ALA A 17 15.28 -6.58 2.96
N PHE A 18 14.99 -7.56 3.80
CA PHE A 18 16.03 -8.41 4.37
C PHE A 18 15.76 -9.87 4.05
N VAL A 19 16.33 -10.36 2.95
CA VAL A 19 16.13 -11.74 2.55
C VAL A 19 17.43 -12.34 2.02
N GLU A 20 18.28 -12.80 2.95
CA GLU A 20 19.56 -13.39 2.57
C GLU A 20 19.35 -14.52 1.58
N ILE A 21 19.04 -14.17 0.34
CA ILE A 21 18.82 -15.17 -0.71
C ILE A 21 17.64 -16.06 -0.35
N GLY A 2 -12.66 14.50 5.41
CA GLY A 2 -12.94 13.21 6.04
C GLY A 2 -13.93 12.40 5.21
N GLN A 3 -13.89 12.59 3.90
CA GLN A 3 -14.79 11.88 2.99
C GLN A 3 -14.01 11.25 1.84
N ARG A 4 -12.71 11.03 2.06
CA ARG A 4 -11.86 10.44 1.03
C ARG A 4 -12.38 10.79 -0.36
N HIS A 5 -12.38 12.09 -0.66
CA HIS A 5 -12.85 12.55 -1.97
C HIS A 5 -12.55 11.51 -3.05
N SER A 6 -11.27 11.22 -3.25
CA SER A 6 -10.87 10.25 -4.25
C SER A 6 -10.85 8.85 -3.66
N ILE A 7 -11.97 8.45 -3.07
CA ILE A 7 -12.10 7.13 -2.45
C ILE A 7 -11.00 6.19 -2.95
N VAL A 8 -10.82 6.14 -4.26
CA VAL A 8 -9.80 5.27 -4.84
C VAL A 8 -8.45 5.51 -4.18
N GLN A 9 -8.24 4.89 -3.03
CA GLN A 9 -6.98 5.04 -2.30
C GLN A 9 -6.44 3.68 -1.88
N PRO A 10 -5.93 2.92 -2.82
CA PRO A 10 -5.36 1.57 -2.55
C PRO A 10 -4.12 1.64 -1.67
N PRO A 11 -4.10 0.97 -0.55
CA PRO A 11 -2.94 0.96 0.38
C PRO A 11 -1.95 -0.14 0.04
N ALA A 12 -0.69 0.22 -0.16
CA ALA A 12 0.32 -0.77 -0.47
C ALA A 12 1.07 -1.19 0.80
N PRO A 13 1.15 -2.48 1.06
CA PRO A 13 1.86 -2.99 2.27
C PRO A 13 3.38 -2.93 2.10
N PRO A 14 4.08 -2.28 3.00
CA PRO A 14 5.58 -2.18 2.93
C PRO A 14 6.24 -3.56 2.78
N PRO A 15 7.01 -3.77 1.75
CA PRO A 15 7.70 -5.06 1.52
C PRO A 15 9.01 -5.17 2.30
N ASN A 16 9.29 -6.35 2.83
CA ASN A 16 10.50 -6.56 3.60
C ASN A 16 11.74 -6.18 2.77
N ALA A 17 12.82 -5.83 3.45
CA ALA A 17 14.04 -5.43 2.77
C ALA A 17 15.27 -5.96 3.51
N PHE A 18 15.06 -6.99 4.33
CA PHE A 18 16.16 -7.57 5.09
C PHE A 18 16.40 -9.01 4.67
N VAL A 19 17.38 -9.22 3.79
CA VAL A 19 17.71 -10.55 3.32
C VAL A 19 19.22 -10.70 3.12
N GLU A 20 19.93 -10.95 4.21
CA GLU A 20 21.38 -11.11 4.14
C GLU A 20 21.79 -12.48 4.68
N ILE A 21 21.03 -12.99 5.64
CA ILE A 21 21.32 -14.29 6.23
C ILE A 21 20.07 -14.89 6.86
N GLY A 2 -16.58 3.71 4.34
CA GLY A 2 -17.69 3.12 5.08
C GLY A 2 -18.37 2.04 4.26
N GLN A 3 -18.39 2.22 2.94
CA GLN A 3 -19.03 1.26 2.05
C GLN A 3 -17.98 0.51 1.22
N ARG A 4 -17.49 1.17 0.17
CA ARG A 4 -16.48 0.57 -0.70
C ARG A 4 -16.55 1.18 -2.10
N HIS A 5 -17.77 1.50 -2.53
CA HIS A 5 -17.97 2.09 -3.85
C HIS A 5 -16.82 1.72 -4.79
N SER A 6 -15.86 2.63 -4.94
CA SER A 6 -14.72 2.40 -5.81
C SER A 6 -13.45 2.95 -5.18
N ILE A 7 -13.27 2.67 -3.88
CA ILE A 7 -12.10 3.13 -3.15
C ILE A 7 -10.97 3.53 -4.11
N VAL A 8 -10.68 4.84 -4.16
CA VAL A 8 -9.63 5.33 -5.04
C VAL A 8 -8.35 5.58 -4.27
N GLN A 9 -8.21 4.88 -3.14
CA GLN A 9 -7.02 5.02 -2.30
C GLN A 9 -6.48 3.66 -1.89
N PRO A 10 -5.91 2.94 -2.82
CA PRO A 10 -5.34 1.58 -2.56
C PRO A 10 -4.10 1.65 -1.66
N PRO A 11 -4.11 0.96 -0.55
CA PRO A 11 -2.96 0.95 0.40
C PRO A 11 -1.95 -0.14 0.06
N ALA A 12 -0.70 0.25 -0.12
CA ALA A 12 0.34 -0.72 -0.45
C ALA A 12 1.07 -1.16 0.82
N PRO A 13 1.16 -2.44 1.08
CA PRO A 13 1.87 -2.97 2.28
C PRO A 13 3.39 -2.93 2.11
N PRO A 14 4.09 -2.28 3.02
CA PRO A 14 5.59 -2.19 2.94
C PRO A 14 6.23 -3.57 2.79
N PRO A 15 7.01 -3.78 1.75
CA PRO A 15 7.69 -5.08 1.51
C PRO A 15 9.00 -5.19 2.28
N ASN A 16 9.23 -6.35 2.88
CA ASN A 16 10.44 -6.58 3.65
C ASN A 16 11.67 -6.53 2.74
N ALA A 17 12.84 -6.41 3.34
CA ALA A 17 14.09 -6.36 2.57
C ALA A 17 14.93 -7.61 2.83
N PHE A 18 14.32 -8.77 2.64
CA PHE A 18 15.02 -10.03 2.84
C PHE A 18 16.09 -9.88 3.92
N VAL A 19 15.70 -10.11 5.17
CA VAL A 19 16.64 -10.00 6.28
C VAL A 19 17.27 -8.61 6.31
N GLU A 20 16.68 -7.72 7.09
CA GLU A 20 17.20 -6.35 7.20
C GLU A 20 17.93 -6.17 8.52
N ILE A 21 18.14 -7.26 9.24
CA ILE A 21 18.84 -7.21 10.51
C ILE A 21 18.09 -6.33 11.51
N GLY A 2 -15.40 10.79 6.43
CA GLY A 2 -14.44 11.87 6.22
C GLY A 2 -13.10 11.54 6.83
N GLN A 3 -12.76 10.24 6.82
CA GLN A 3 -11.48 9.80 7.38
C GLN A 3 -10.89 8.68 6.52
N ARG A 4 -10.45 7.61 7.18
CA ARG A 4 -9.86 6.47 6.48
C ARG A 4 -9.20 6.94 5.19
N HIS A 5 -9.54 6.29 4.08
CA HIS A 5 -8.97 6.65 2.79
C HIS A 5 -10.07 6.90 1.77
N SER A 6 -9.69 7.48 0.63
CA SER A 6 -10.66 7.77 -0.43
C SER A 6 -10.89 6.54 -1.30
N ILE A 7 -12.15 6.14 -1.43
CA ILE A 7 -12.51 4.98 -2.24
C ILE A 7 -11.38 4.58 -3.18
N VAL A 8 -10.87 5.55 -3.93
CA VAL A 8 -9.78 5.28 -4.86
C VAL A 8 -8.43 5.51 -4.19
N GLN A 9 -8.22 4.89 -3.03
CA GLN A 9 -6.97 5.04 -2.31
C GLN A 9 -6.43 3.68 -1.88
N PRO A 10 -5.92 2.92 -2.81
CA PRO A 10 -5.36 1.56 -2.55
C PRO A 10 -4.11 1.63 -1.66
N PRO A 11 -4.11 0.96 -0.53
CA PRO A 11 -2.94 0.96 0.39
C PRO A 11 -1.95 -0.14 0.06
N ALA A 12 -0.70 0.22 -0.15
CA ALA A 12 0.32 -0.77 -0.47
C ALA A 12 1.07 -1.19 0.80
N PRO A 13 1.16 -2.47 1.07
CA PRO A 13 1.87 -2.98 2.27
C PRO A 13 3.39 -2.93 2.10
N PRO A 14 4.10 -2.27 2.99
CA PRO A 14 5.59 -2.18 2.90
C PRO A 14 6.24 -3.56 2.75
N PRO A 15 7.01 -3.77 1.71
CA PRO A 15 7.70 -5.07 1.48
C PRO A 15 9.02 -5.17 2.24
N ASN A 16 9.46 -6.40 2.48
CA ASN A 16 10.70 -6.61 3.21
C ASN A 16 11.89 -6.11 2.39
N ALA A 17 12.96 -5.72 3.08
CA ALA A 17 14.15 -5.22 2.41
C ALA A 17 15.38 -6.02 2.82
N PHE A 18 15.15 -7.14 3.49
CA PHE A 18 16.25 -8.00 3.93
C PHE A 18 16.59 -9.03 2.86
N VAL A 19 17.30 -8.58 1.82
CA VAL A 19 17.69 -9.47 0.73
C VAL A 19 19.03 -9.05 0.16
N GLU A 20 20.11 -9.53 0.77
CA GLU A 20 21.45 -9.20 0.32
C GLU A 20 22.10 -10.40 -0.35
N ILE A 21 23.32 -10.22 -0.85
CA ILE A 21 24.05 -11.30 -1.50
C ILE A 21 25.55 -11.10 -1.38
N GLY A 2 -19.48 15.46 2.80
CA GLY A 2 -20.45 14.37 2.87
C GLY A 2 -20.12 13.29 1.86
N GLN A 3 -18.97 13.43 1.19
CA GLN A 3 -18.55 12.45 0.20
C GLN A 3 -17.11 12.01 0.47
N ARG A 4 -16.18 12.92 0.32
CA ARG A 4 -14.76 12.61 0.55
C ARG A 4 -14.48 11.15 0.26
N HIS A 5 -13.94 10.44 1.24
CA HIS A 5 -13.61 9.02 1.07
C HIS A 5 -13.36 8.70 -0.39
N SER A 6 -12.21 9.14 -0.90
CA SER A 6 -11.86 8.89 -2.29
C SER A 6 -11.50 7.42 -2.50
N ILE A 7 -12.50 6.56 -2.37
CA ILE A 7 -12.31 5.12 -2.54
C ILE A 7 -11.00 4.82 -3.27
N VAL A 8 -10.76 5.54 -4.35
CA VAL A 8 -9.55 5.34 -5.14
C VAL A 8 -8.31 5.61 -4.29
N GLN A 9 -8.17 4.85 -3.21
CA GLN A 9 -7.03 5.02 -2.31
C GLN A 9 -6.49 3.66 -1.88
N PRO A 10 -5.92 2.92 -2.80
CA PRO A 10 -5.35 1.57 -2.54
C PRO A 10 -4.10 1.65 -1.65
N PRO A 11 -4.10 0.98 -0.52
CA PRO A 11 -2.95 0.97 0.42
C PRO A 11 -1.95 -0.13 0.08
N ALA A 12 -0.70 0.25 -0.12
CA ALA A 12 0.33 -0.73 -0.44
C ALA A 12 1.08 -1.16 0.82
N PRO A 13 1.17 -2.44 1.08
CA PRO A 13 1.88 -2.96 2.28
C PRO A 13 3.41 -2.93 2.10
N PRO A 14 4.12 -2.28 2.99
CA PRO A 14 5.62 -2.20 2.90
C PRO A 14 6.26 -3.58 2.74
N PRO A 15 7.02 -3.79 1.69
CA PRO A 15 7.69 -5.09 1.44
C PRO A 15 9.03 -5.20 2.18
N ASN A 16 9.55 -6.41 2.26
CA ASN A 16 10.82 -6.64 2.94
C ASN A 16 11.95 -5.89 2.24
N ALA A 17 13.08 -5.77 2.92
CA ALA A 17 14.23 -5.06 2.34
C ALA A 17 15.42 -6.00 2.20
N PHE A 18 15.13 -7.30 2.12
CA PHE A 18 16.19 -8.29 1.98
C PHE A 18 17.48 -7.79 2.61
N VAL A 19 17.66 -8.09 3.89
CA VAL A 19 18.85 -7.66 4.61
C VAL A 19 19.19 -6.21 4.27
N GLU A 20 18.48 -5.28 4.89
CA GLU A 20 18.71 -3.86 4.65
C GLU A 20 18.41 -3.52 3.19
N ILE A 21 19.40 -3.71 2.33
CA ILE A 21 19.23 -3.42 0.91
C ILE A 21 20.49 -3.77 0.13
N GLY A 2 -14.22 16.76 1.44
CA GLY A 2 -13.44 17.99 1.40
C GLY A 2 -12.15 17.80 0.59
N GLN A 3 -11.98 16.60 0.04
CA GLN A 3 -10.79 16.31 -0.75
C GLN A 3 -11.19 15.79 -2.13
N ARG A 4 -12.50 15.76 -2.39
CA ARG A 4 -13.02 15.28 -3.67
C ARG A 4 -13.22 13.76 -3.64
N HIS A 5 -13.62 13.20 -4.78
CA HIS A 5 -13.86 11.77 -4.87
C HIS A 5 -12.52 11.03 -5.04
N SER A 6 -11.75 10.97 -3.96
CA SER A 6 -10.46 10.29 -4.00
C SER A 6 -10.57 8.88 -3.41
N ILE A 7 -11.70 8.62 -2.75
CA ILE A 7 -11.94 7.33 -2.12
C ILE A 7 -10.97 6.27 -2.65
N VAL A 8 -10.85 6.19 -3.97
CA VAL A 8 -9.96 5.22 -4.59
C VAL A 8 -8.53 5.42 -4.10
N GLN A 9 -8.24 4.93 -2.90
CA GLN A 9 -6.91 5.06 -2.33
C GLN A 9 -6.37 3.70 -1.90
N PRO A 10 -5.92 2.91 -2.84
CA PRO A 10 -5.37 1.55 -2.57
C PRO A 10 -4.12 1.62 -1.69
N PRO A 11 -4.12 0.95 -0.56
CA PRO A 11 -2.96 0.94 0.37
C PRO A 11 -1.98 -0.17 0.04
N ALA A 12 -0.72 0.19 -0.16
CA ALA A 12 0.30 -0.81 -0.48
C ALA A 12 1.04 -1.23 0.79
N PRO A 13 1.13 -2.51 1.06
CA PRO A 13 1.83 -3.02 2.27
C PRO A 13 3.35 -2.95 2.12
N PRO A 14 4.04 -2.28 3.02
CA PRO A 14 5.54 -2.17 2.96
C PRO A 14 6.21 -3.54 2.80
N PRO A 15 7.01 -3.72 1.77
CA PRO A 15 7.70 -5.01 1.53
C PRO A 15 9.01 -5.10 2.32
N ASN A 16 9.20 -6.20 3.03
CA ASN A 16 10.41 -6.41 3.82
C ASN A 16 11.63 -6.50 2.91
N ALA A 17 12.81 -6.37 3.51
CA ALA A 17 14.06 -6.45 2.75
C ALA A 17 14.55 -7.89 2.68
N PHE A 18 13.88 -8.70 1.86
CA PHE A 18 14.27 -10.10 1.71
C PHE A 18 15.34 -10.25 0.64
N VAL A 19 16.57 -9.90 0.98
CA VAL A 19 17.68 -9.99 0.02
C VAL A 19 18.82 -10.79 0.62
N GLU A 20 18.78 -12.11 0.46
CA GLU A 20 19.83 -12.97 0.99
C GLU A 20 20.76 -13.43 -0.14
N ILE A 21 20.24 -13.46 -1.35
CA ILE A 21 21.04 -13.88 -2.50
C ILE A 21 20.45 -13.31 -3.80
N GLY A 2 -24.10 -0.48 -5.58
CA GLY A 2 -23.45 -0.17 -4.31
C GLY A 2 -22.01 0.25 -4.53
N GLN A 3 -21.36 -0.36 -5.52
CA GLN A 3 -19.96 -0.03 -5.82
C GLN A 3 -19.89 0.97 -6.97
N ARG A 4 -18.83 0.87 -7.77
CA ARG A 4 -18.63 1.76 -8.90
C ARG A 4 -17.91 3.04 -8.47
N HIS A 5 -18.05 3.39 -7.19
CA HIS A 5 -17.42 4.58 -6.66
C HIS A 5 -16.98 4.37 -5.21
N SER A 6 -15.93 3.59 -5.02
CA SER A 6 -15.42 3.31 -3.68
C SER A 6 -14.04 3.91 -3.49
N ILE A 7 -13.81 4.47 -2.30
CA ILE A 7 -12.53 5.10 -1.98
C ILE A 7 -11.43 4.62 -2.93
N VAL A 8 -10.95 5.51 -3.78
CA VAL A 8 -9.91 5.17 -4.75
C VAL A 8 -8.53 5.42 -4.14
N GLN A 9 -8.29 4.84 -2.97
CA GLN A 9 -7.01 5.00 -2.29
C GLN A 9 -6.44 3.65 -1.89
N PRO A 10 -5.93 2.91 -2.84
CA PRO A 10 -5.34 1.55 -2.59
C PRO A 10 -4.10 1.64 -1.68
N PRO A 11 -4.11 0.94 -0.57
CA PRO A 11 -2.96 0.94 0.38
C PRO A 11 -1.94 -0.14 0.05
N ALA A 12 -0.69 0.26 -0.15
CA ALA A 12 0.36 -0.69 -0.46
C ALA A 12 1.09 -1.13 0.81
N PRO A 13 1.16 -2.42 1.07
CA PRO A 13 1.86 -2.93 2.28
C PRO A 13 3.39 -2.90 2.11
N PRO A 14 4.11 -2.26 3.00
CA PRO A 14 5.60 -2.20 2.93
C PRO A 14 6.23 -3.58 2.77
N PRO A 15 7.00 -3.80 1.73
CA PRO A 15 7.66 -5.11 1.49
C PRO A 15 8.98 -5.22 2.25
N ASN A 16 9.35 -6.46 2.60
CA ASN A 16 10.59 -6.70 3.34
C ASN A 16 11.78 -6.16 2.57
N ALA A 17 12.91 -6.03 3.25
CA ALA A 17 14.12 -5.53 2.61
C ALA A 17 14.91 -6.67 1.97
N PHE A 18 14.37 -7.23 0.89
CA PHE A 18 15.02 -8.33 0.20
C PHE A 18 15.86 -9.15 1.17
N VAL A 19 15.23 -10.15 1.79
CA VAL A 19 15.92 -11.00 2.73
C VAL A 19 16.97 -10.21 3.51
N GLU A 20 16.60 -9.78 4.71
CA GLU A 20 17.52 -9.01 5.54
C GLU A 20 18.70 -9.87 5.99
N ILE A 21 19.75 -9.22 6.47
CA ILE A 21 20.94 -9.94 6.93
C ILE A 21 21.58 -9.22 8.11
N GLY A 2 -20.43 -1.36 -5.76
CA GLY A 2 -21.65 -0.57 -5.83
C GLY A 2 -21.95 0.08 -4.50
N GLN A 3 -20.91 0.46 -3.77
CA GLN A 3 -21.08 1.10 -2.47
C GLN A 3 -21.17 2.61 -2.62
N ARG A 4 -20.82 3.10 -3.80
CA ARG A 4 -20.86 4.53 -4.09
C ARG A 4 -19.56 5.21 -3.67
N HIS A 5 -19.14 6.21 -4.43
CA HIS A 5 -17.92 6.93 -4.14
C HIS A 5 -16.93 6.04 -3.38
N SER A 6 -16.33 5.10 -4.08
CA SER A 6 -15.38 4.18 -3.48
C SER A 6 -13.97 4.78 -3.48
N ILE A 7 -13.77 5.78 -2.62
CA ILE A 7 -12.48 6.45 -2.53
C ILE A 7 -11.36 5.59 -3.12
N VAL A 8 -10.81 6.03 -4.25
CA VAL A 8 -9.75 5.29 -4.91
C VAL A 8 -8.41 5.53 -4.21
N GLN A 9 -8.23 4.88 -3.06
CA GLN A 9 -6.98 5.04 -2.31
C GLN A 9 -6.44 3.68 -1.88
N PRO A 10 -5.94 2.92 -2.81
CA PRO A 10 -5.37 1.57 -2.54
C PRO A 10 -4.11 1.64 -1.66
N PRO A 11 -4.10 0.97 -0.52
CA PRO A 11 -2.93 0.97 0.40
C PRO A 11 -1.95 -0.14 0.06
N ALA A 12 -0.69 0.22 -0.16
CA ALA A 12 0.32 -0.78 -0.48
C ALA A 12 1.07 -1.19 0.79
N PRO A 13 1.16 -2.47 1.07
CA PRO A 13 1.88 -2.98 2.27
C PRO A 13 3.40 -2.93 2.09
N PRO A 14 4.12 -2.27 2.98
CA PRO A 14 5.61 -2.18 2.88
C PRO A 14 6.26 -3.56 2.74
N PRO A 15 7.03 -3.77 1.69
CA PRO A 15 7.70 -5.08 1.46
C PRO A 15 9.02 -5.18 2.22
N ASN A 16 9.55 -6.40 2.34
CA ASN A 16 10.80 -6.62 3.04
C ASN A 16 11.96 -5.97 2.28
N ALA A 17 13.09 -5.81 2.97
CA ALA A 17 14.26 -5.21 2.36
C ALA A 17 15.21 -6.29 1.82
N PHE A 18 14.82 -6.91 0.72
CA PHE A 18 15.64 -7.96 0.12
C PHE A 18 17.12 -7.71 0.37
N VAL A 19 17.60 -8.20 1.51
CA VAL A 19 19.01 -8.02 1.86
C VAL A 19 19.39 -6.54 1.82
N GLU A 20 19.08 -5.83 2.89
CA GLU A 20 19.39 -4.40 2.97
C GLU A 20 20.80 -4.13 2.45
N ILE A 21 21.18 -2.86 2.43
CA ILE A 21 22.51 -2.48 1.96
C ILE A 21 23.30 -1.81 3.07
#